data_4WTD
#
_entry.id   4WTD
#
_cell.length_a   141.250
_cell.length_b   141.250
_cell.length_c   91.190
_cell.angle_alpha   90.000
_cell.angle_beta   90.000
_cell.angle_gamma   120.000
#
_symmetry.space_group_name_H-M   'P 65'
#
loop_
_entity.id
_entity.type
_entity.pdbx_description
1 polymer 'RNA PRIMER TEMPLATE AUAAAUUU'
2 polymer 'RNA-directed RNA polymerase'
3 non-polymer 'MANGANESE (II) ION'
4 non-polymer "ADENOSINE-5'-DIPHOSPHATE"
5 non-polymer 'CHLORIDE ION'
6 water water
#
loop_
_entity_poly.entity_id
_entity_poly.type
_entity_poly.pdbx_seq_one_letter_code
_entity_poly.pdbx_strand_id
1 'polyribonucleotide' AUAAAUUU T,P
2 'polypeptide(L)'
;MSSMSYSWTGALITPCGPEEEKLPINPLSNSLLRYHNKVYCTTSKSASQRAKKVTFDRTQVLDAHYDSVLKDIKLAASKV
SARLLTLQQACQLTPPHSARSKYGFGAKEVRSLSGRAVNHIKSVWKDLLEDPQTPIPTTIMAKNEVFCVDPAKGGKKPAR
LIVYPDLGVRVCEKMALYDITQKLPQAVMGASYGFQYSPAQRVEYLLKAWAEKKDPMGFSYDTRHFDSTVTERDIRTEES
IYQACSLPEEARTAIHSLTERLYVGGPMFNSKGQTCGYRRCRASGVLTTSMGNTITCYVKALAACKAAGIVAPTMLVCGD
DLIVISESQGTEEDERNLRAFTEAMTRYSAPPGDPPRPEYDLELITSCSSNVSVALGPRGRRRYYLTRDPTTPLARAAWE
TVRHSPINSWLGNIIQYAPTIWVRMVLMTHFFSILMVQDTLDQNLGGVNPLDLPAIIERLHGLDAFSMHTYSHHELTRVA
SALRKLGAPPLRVWKSRARAVRASLISRGGKAAVCGRYLFNWAVKTKLKLTPLPEARLLDLSSWFTVGAGGGDIFHSVSR
ARPRLEHHHHHH
;
A
#
# COMPACT_ATOMS: atom_id res chain seq x y z
N SER C 2 17.56 22.92 -9.20
CA SER C 2 16.60 24.06 -9.01
C SER C 2 15.86 24.04 -7.65
N SER C 3 14.83 23.20 -7.53
CA SER C 3 13.83 23.35 -6.46
C SER C 3 14.15 22.49 -5.25
N MET C 4 14.10 23.13 -4.10
CA MET C 4 14.21 22.48 -2.80
C MET C 4 12.83 21.80 -2.50
N SER C 5 12.85 20.59 -1.96
CA SER C 5 11.59 19.86 -1.73
C SER C 5 10.81 20.50 -0.60
N TYR C 6 11.50 20.95 0.42
CA TYR C 6 10.89 21.64 1.54
C TYR C 6 11.84 22.73 2.13
N SER C 7 11.27 23.63 2.92
CA SER C 7 11.98 24.66 3.69
C SER C 7 11.33 24.61 5.05
N TRP C 8 12.07 24.88 6.12
CA TRP C 8 11.52 24.70 7.46
C TRP C 8 11.67 25.89 8.38
N THR C 9 10.56 26.42 8.87
CA THR C 9 10.63 27.45 9.91
C THR C 9 11.41 27.01 11.13
N GLY C 10 11.46 25.72 11.41
CA GLY C 10 12.08 25.24 12.64
C GLY C 10 11.04 24.94 13.71
N ALA C 11 9.79 25.34 13.52
CA ALA C 11 8.72 24.88 14.44
C ALA C 11 8.64 23.34 14.44
N LEU C 12 8.26 22.74 15.56
CA LEU C 12 8.17 21.29 15.65
C LEU C 12 6.98 20.73 14.86
N ILE C 13 7.09 19.46 14.46
CA ILE C 13 5.99 18.73 13.89
C ILE C 13 5.27 18.01 15.01
N THR C 14 4.36 18.74 15.66
CA THR C 14 3.62 18.29 16.82
C THR C 14 2.66 17.14 16.55
N PRO C 15 2.38 16.31 17.57
CA PRO C 15 1.46 15.17 17.55
C PRO C 15 -0.02 15.59 17.52
N CYS C 16 -0.86 14.80 16.87
CA CYS C 16 -2.24 15.21 16.57
C CYS C 16 -3.16 14.54 17.57
N GLY C 17 -2.77 14.59 18.85
CA GLY C 17 -3.29 13.71 19.91
C GLY C 17 -2.12 13.01 20.63
N PRO C 18 -2.42 12.23 21.70
CA PRO C 18 -1.39 11.52 22.45
C PRO C 18 -1.14 10.12 21.88
N GLU C 19 0.14 9.73 21.82
CA GLU C 19 0.60 8.51 21.16
C GLU C 19 0.83 7.36 22.17
N GLU C 20 -0.08 6.39 22.21
CA GLU C 20 -0.10 5.34 23.24
C GLU C 20 1.17 4.48 23.28
N GLU C 21 1.46 3.99 24.49
CA GLU C 21 2.66 3.24 24.81
C GLU C 21 2.23 1.79 25.00
N LYS C 22 3.10 0.84 24.67
CA LYS C 22 2.82 -0.55 25.03
C LYS C 22 2.76 -0.68 26.56
N LEU C 23 2.24 -1.80 27.01
CA LEU C 23 2.06 -2.05 28.44
C LEU C 23 2.97 -3.16 28.92
N PRO C 24 3.17 -3.26 30.23
CA PRO C 24 4.09 -4.26 30.76
C PRO C 24 3.63 -5.69 30.55
N ILE C 25 2.34 -5.90 30.36
CA ILE C 25 1.79 -7.19 29.92
C ILE C 25 0.95 -7.03 28.66
N ASN C 26 1.18 -7.90 27.69
CA ASN C 26 0.45 -7.97 26.41
C ASN C 26 -0.29 -9.31 26.34
N PRO C 27 -1.49 -9.36 26.94
CA PRO C 27 -2.11 -10.66 27.20
C PRO C 27 -2.58 -11.39 25.95
N LEU C 28 -2.94 -10.64 24.92
CA LEU C 28 -3.32 -11.25 23.66
C LEU C 28 -2.14 -11.82 22.89
N SER C 29 -0.97 -11.20 22.98
CA SER C 29 0.17 -11.64 22.16
C SER C 29 1.42 -12.18 22.87
N ASN C 30 1.41 -12.25 24.20
CA ASN C 30 2.58 -12.83 24.88
C ASN C 30 2.76 -14.33 24.69
N SER C 31 1.74 -15.00 24.14
CA SER C 31 1.80 -16.39 23.68
C SER C 31 2.30 -16.49 22.24
N LEU C 32 2.13 -15.43 21.47
CA LEU C 32 2.55 -15.36 20.06
C LEU C 32 4.04 -15.13 19.91
N LEU C 33 4.56 -14.18 20.68
CA LEU C 33 5.99 -13.90 20.62
C LEU C 33 6.49 -13.23 21.91
N ARG C 34 7.79 -13.32 22.11
CA ARG C 34 8.42 -12.89 23.35
C ARG C 34 9.08 -11.53 23.27
N TYR C 35 9.58 -11.13 22.10
CA TYR C 35 10.42 -9.95 22.00
C TYR C 35 9.66 -8.65 21.79
N HIS C 36 8.82 -8.32 22.75
CA HIS C 36 7.95 -7.14 22.67
C HIS C 36 8.71 -5.83 22.63
N ASN C 37 9.96 -5.89 23.09
CA ASN C 37 10.84 -4.74 23.06
C ASN C 37 11.17 -4.32 21.61
N LYS C 38 11.13 -5.28 20.69
CA LYS C 38 11.43 -5.03 19.30
C LYS C 38 10.25 -4.41 18.53
N VAL C 39 9.05 -4.47 19.10
CA VAL C 39 7.89 -3.94 18.41
C VAL C 39 7.69 -2.49 18.85
N TYR C 40 7.75 -1.57 17.90
CA TYR C 40 7.61 -0.15 18.21
C TYR C 40 6.64 0.56 17.25
N CYS C 41 6.26 1.77 17.62
CA CYS C 41 5.37 2.58 16.84
C CYS C 41 6.11 3.87 16.50
N THR C 42 6.19 4.19 15.22
CA THR C 42 6.85 5.43 14.82
C THR C 42 6.10 6.59 15.43
N THR C 43 6.85 7.56 15.90
CA THR C 43 6.31 8.62 16.68
C THR C 43 6.66 9.98 16.11
N SER C 44 6.01 11.03 16.59
CA SER C 44 6.19 12.36 16.03
C SER C 44 7.49 13.00 16.50
N LYS C 45 7.95 12.69 17.72
CA LYS C 45 9.36 12.97 18.10
C LYS C 45 10.32 12.68 16.91
N SER C 46 10.18 11.56 16.21
CA SER C 46 11.06 11.22 15.07
C SER C 46 10.78 11.99 13.77
N ALA C 47 9.74 12.81 13.77
CA ALA C 47 9.31 13.46 12.54
C ALA C 47 10.40 14.36 11.93
N SER C 48 11.12 15.08 12.77
CA SER C 48 12.20 15.96 12.27
C SER C 48 13.35 15.19 11.60
N GLN C 49 13.65 13.97 12.04
CA GLN C 49 14.63 13.15 11.31
C GLN C 49 14.12 12.80 9.92
N ARG C 50 12.82 12.56 9.80
CA ARG C 50 12.26 12.22 8.48
C ARG C 50 12.38 13.43 7.57
N ALA C 51 12.07 14.59 8.14
CA ALA C 51 12.24 15.86 7.44
C ALA C 51 13.65 16.06 6.85
N LYS C 52 14.70 15.90 7.66
CA LYS C 52 16.08 15.99 7.15
C LYS C 52 16.28 15.01 5.96
N LYS C 53 15.74 13.80 6.08
CA LYS C 53 16.02 12.80 5.07
C LYS C 53 15.36 13.16 3.74
N VAL C 54 14.27 13.93 3.76
CA VAL C 54 13.50 14.20 2.51
C VAL C 54 13.64 15.63 1.97
N THR C 55 14.18 16.53 2.77
CA THR C 55 14.51 17.86 2.30
C THR C 55 15.77 17.88 1.43
N PHE C 56 15.64 18.14 0.14
CA PHE C 56 16.80 18.09 -0.74
C PHE C 56 16.51 18.73 -2.08
N ASP C 57 17.58 18.98 -2.85
CA ASP C 57 17.51 19.75 -4.07
C ASP C 57 17.28 18.87 -5.28
N ARG C 58 16.41 19.30 -6.18
CA ARG C 58 16.00 18.47 -7.29
C ARG C 58 16.31 19.07 -8.63
N THR C 59 17.05 18.32 -9.42
CA THR C 59 17.39 18.74 -10.75
C THR C 59 16.88 17.64 -11.65
N GLN C 60 16.03 18.04 -12.56
CA GLN C 60 15.33 17.13 -13.38
C GLN C 60 15.78 17.46 -14.79
N VAL C 61 16.15 16.45 -15.57
CA VAL C 61 16.49 16.66 -16.96
C VAL C 61 15.74 15.64 -17.79
N LEU C 62 14.82 16.14 -18.60
CA LEU C 62 13.96 15.30 -19.38
C LEU C 62 14.65 15.06 -20.69
N ASP C 63 13.99 14.42 -21.66
CA ASP C 63 14.63 14.09 -22.92
C ASP C 63 13.65 13.50 -23.93
N ALA C 64 14.12 13.21 -25.14
CA ALA C 64 13.26 12.73 -26.22
C ALA C 64 12.37 11.62 -25.74
N HIS C 65 12.94 10.71 -24.94
CA HIS C 65 12.20 9.53 -24.49
C HIS C 65 11.01 9.88 -23.56
N TYR C 66 11.28 10.70 -22.56
CA TYR C 66 10.23 11.25 -21.73
C TYR C 66 9.15 11.90 -22.62
N ASP C 67 9.55 12.91 -23.40
CA ASP C 67 8.62 13.73 -24.18
C ASP C 67 7.75 12.81 -25.02
N SER C 68 8.39 11.82 -25.61
CA SER C 68 7.71 10.88 -26.49
C SER C 68 6.63 10.09 -25.74
N VAL C 69 6.98 9.62 -24.55
CA VAL C 69 6.07 8.81 -23.76
C VAL C 69 4.97 9.70 -23.23
N LEU C 70 5.32 10.91 -22.80
CA LEU C 70 4.34 11.86 -22.33
C LEU C 70 3.32 12.16 -23.44
N LYS C 71 3.83 12.40 -24.66
CA LYS C 71 2.95 12.64 -25.79
C LYS C 71 1.93 11.51 -25.82
N ASP C 72 2.40 10.27 -25.91
CA ASP C 72 1.48 9.14 -26.15
C ASP C 72 0.43 8.96 -25.07
N ILE C 73 0.79 9.39 -23.86
CA ILE C 73 -0.07 9.29 -22.71
C ILE C 73 -1.22 10.30 -22.75
N LYS C 74 -0.96 11.50 -23.29
CA LYS C 74 -2.03 12.46 -23.54
C LYS C 74 -3.00 11.99 -24.63
N LEU C 75 -2.52 11.40 -25.72
CA LEU C 75 -3.45 10.82 -26.72
C LEU C 75 -4.33 9.77 -26.04
N ALA C 76 -3.79 9.05 -25.06
CA ALA C 76 -4.62 8.09 -24.30
C ALA C 76 -5.66 8.81 -23.45
N ALA C 77 -5.26 9.91 -22.81
CA ALA C 77 -6.13 10.69 -21.94
C ALA C 77 -7.39 11.19 -22.62
N SER C 78 -7.29 11.45 -23.92
CA SER C 78 -8.40 12.07 -24.63
C SER C 78 -9.43 11.05 -25.07
N LYS C 79 -9.13 9.76 -25.01
CA LYS C 79 -10.20 8.76 -25.14
C LYS C 79 -11.05 8.64 -23.83
N VAL C 80 -11.02 9.68 -22.98
CA VAL C 80 -11.64 9.66 -21.64
C VAL C 80 -12.61 10.81 -21.42
N SER C 81 -13.82 10.45 -21.05
CA SER C 81 -14.81 11.43 -20.68
C SER C 81 -15.04 11.40 -19.17
N ALA C 82 -14.97 12.56 -18.55
CA ALA C 82 -15.10 12.61 -17.11
C ALA C 82 -15.98 13.77 -16.66
N ARG C 83 -16.78 13.51 -15.62
CA ARG C 83 -17.79 14.47 -15.17
C ARG C 83 -17.44 15.05 -13.81
N LEU C 84 -17.94 16.24 -13.50
CA LEU C 84 -17.93 16.75 -12.11
C LEU C 84 -18.77 15.84 -11.20
N LEU C 85 -18.57 16.02 -9.92
CA LEU C 85 -19.33 15.24 -8.96
C LEU C 85 -20.11 16.31 -8.19
N THR C 86 -21.36 16.03 -7.89
CA THR C 86 -22.15 17.02 -7.20
C THR C 86 -21.55 17.15 -5.82
N LEU C 87 -21.62 18.34 -5.27
CA LEU C 87 -21.09 18.57 -3.97
C LEU C 87 -21.58 17.47 -3.03
N GLN C 88 -22.82 17.05 -3.17
CA GLN C 88 -23.37 16.01 -2.29
C GLN C 88 -22.69 14.66 -2.51
N GLN C 89 -22.52 14.26 -3.76
CA GLN C 89 -21.90 12.95 -4.01
C GLN C 89 -20.48 12.89 -3.42
N ALA C 90 -19.75 13.99 -3.53
CA ALA C 90 -18.42 14.08 -2.98
C ALA C 90 -18.40 14.03 -1.46
N CYS C 91 -19.34 14.73 -0.83
CA CYS C 91 -19.50 14.64 0.62
C CYS C 91 -19.62 13.18 1.10
N GLN C 92 -20.35 12.37 0.34
CA GLN C 92 -20.72 11.04 0.80
C GLN C 92 -19.62 10.01 0.55
N LEU C 93 -18.67 10.30 -0.33
CA LEU C 93 -17.44 9.53 -0.44
C LEU C 93 -16.41 9.84 0.67
N THR C 94 -16.65 10.85 1.49
CA THR C 94 -15.76 11.12 2.63
C THR C 94 -15.82 9.95 3.61
N PRO C 95 -14.66 9.42 4.06
CA PRO C 95 -14.70 8.34 5.06
C PRO C 95 -15.20 8.77 6.45
N PRO C 96 -15.83 7.84 7.17
CA PRO C 96 -16.55 8.15 8.40
C PRO C 96 -15.78 8.83 9.48
N HIS C 97 -14.48 8.56 9.59
CA HIS C 97 -13.69 9.14 10.69
C HIS C 97 -12.80 10.32 10.27
N SER C 98 -12.99 10.79 9.03
CA SER C 98 -12.08 11.75 8.42
C SER C 98 -11.87 12.95 9.31
N ALA C 99 -10.62 13.37 9.46
CA ALA C 99 -10.32 14.48 10.35
C ALA C 99 -11.21 15.69 10.11
N ARG C 100 -11.76 16.20 11.19
CA ARG C 100 -12.74 17.28 11.12
C ARG C 100 -12.14 18.56 10.52
N SER C 101 -13.04 19.45 10.12
CA SER C 101 -12.67 20.75 9.62
C SER C 101 -12.35 21.72 10.74
N LYS C 102 -11.42 22.64 10.48
CA LYS C 102 -11.13 23.78 11.37
C LYS C 102 -12.40 24.56 11.65
N TYR C 103 -13.26 24.66 10.63
CA TYR C 103 -14.46 25.46 10.70
C TYR C 103 -15.65 24.76 11.40
N GLY C 104 -15.37 24.08 12.52
CA GLY C 104 -16.40 23.55 13.42
C GLY C 104 -17.44 22.59 12.82
N PHE C 105 -16.97 21.63 12.03
CA PHE C 105 -17.78 20.46 11.68
C PHE C 105 -16.84 19.33 11.23
N GLY C 106 -17.33 18.09 11.32
CA GLY C 106 -16.56 16.91 10.98
C GLY C 106 -17.24 16.03 9.95
N ALA C 107 -16.88 14.76 9.93
CA ALA C 107 -17.28 13.88 8.84
C ALA C 107 -18.70 13.42 8.98
N LYS C 108 -19.22 13.30 10.23
CA LYS C 108 -20.63 12.98 10.44
C LYS C 108 -21.49 13.97 9.62
N GLU C 109 -21.25 15.26 9.85
CA GLU C 109 -21.99 16.36 9.23
C GLU C 109 -21.80 16.35 7.72
N VAL C 110 -20.57 16.15 7.26
CA VAL C 110 -20.34 16.09 5.84
C VAL C 110 -21.15 14.95 5.23
N ARG C 111 -21.05 13.76 5.82
CA ARG C 111 -21.70 12.59 5.20
C ARG C 111 -23.23 12.64 5.30
N SER C 112 -23.75 13.36 6.27
CA SER C 112 -25.20 13.42 6.44
C SER C 112 -25.75 14.69 5.79
N LEU C 113 -24.88 15.44 5.14
CA LEU C 113 -25.25 16.65 4.40
C LEU C 113 -25.84 17.72 5.31
N SER C 114 -25.37 17.81 6.54
CA SER C 114 -25.68 18.95 7.39
C SER C 114 -25.46 20.27 6.63
N GLY C 115 -26.25 21.28 6.99
CA GLY C 115 -26.28 22.52 6.27
C GLY C 115 -25.11 23.44 6.52
N ARG C 116 -24.59 23.53 7.76
CA ARG C 116 -23.35 24.31 7.99
C ARG C 116 -22.23 23.71 7.09
N ALA C 117 -22.11 22.38 7.08
CA ALA C 117 -21.08 21.71 6.28
C ALA C 117 -21.20 22.00 4.81
N VAL C 118 -22.38 21.78 4.26
CA VAL C 118 -22.65 22.07 2.85
C VAL C 118 -22.41 23.53 2.44
N ASN C 119 -22.82 24.49 3.25
CA ASN C 119 -22.58 25.91 2.91
C ASN C 119 -21.13 26.25 2.93
N HIS C 120 -20.40 25.81 3.92
CA HIS C 120 -18.96 26.02 3.92
C HIS C 120 -18.31 25.45 2.65
N ILE C 121 -18.74 24.26 2.27
CA ILE C 121 -18.09 23.60 1.18
C ILE C 121 -18.45 24.37 -0.09
N LYS C 122 -19.71 24.79 -0.18
CA LYS C 122 -20.19 25.60 -1.30
C LYS C 122 -19.28 26.83 -1.54
N SER C 123 -18.83 27.46 -0.46
CA SER C 123 -18.04 28.68 -0.60
C SER C 123 -16.57 28.38 -0.92
N VAL C 124 -16.07 27.25 -0.42
CA VAL C 124 -14.73 26.81 -0.72
C VAL C 124 -14.61 26.53 -2.20
N TRP C 125 -15.62 25.92 -2.76
CA TRP C 125 -15.65 25.67 -4.19
C TRP C 125 -15.80 26.94 -5.03
N LYS C 126 -16.63 27.89 -4.57
CA LYS C 126 -16.73 29.20 -5.22
C LYS C 126 -15.33 29.82 -5.25
N ASP C 127 -14.69 29.84 -4.09
CA ASP C 127 -13.34 30.41 -3.96
C ASP C 127 -12.28 29.78 -4.88
N LEU C 128 -12.40 28.49 -5.18
CA LEU C 128 -11.52 27.82 -6.15
C LEU C 128 -11.75 28.30 -7.57
N LEU C 129 -13.02 28.51 -7.87
CA LEU C 129 -13.41 29.03 -9.16
C LEU C 129 -12.98 30.51 -9.30
N GLU C 130 -13.08 31.30 -8.24
CA GLU C 130 -12.76 32.73 -8.34
C GLU C 130 -11.25 32.96 -8.28
N ASP C 131 -10.60 32.34 -7.31
CA ASP C 131 -9.19 32.58 -7.06
C ASP C 131 -8.29 31.42 -7.54
N PRO C 132 -7.47 31.62 -8.59
CA PRO C 132 -6.69 30.49 -9.06
C PRO C 132 -5.22 30.53 -8.62
N GLN C 133 -4.85 31.29 -7.59
CA GLN C 133 -3.44 31.29 -7.17
C GLN C 133 -3.12 31.35 -5.68
N THR C 134 -4.00 31.87 -4.85
CA THR C 134 -3.63 31.93 -3.44
C THR C 134 -3.32 30.51 -2.94
N PRO C 135 -2.13 30.33 -2.35
CA PRO C 135 -1.78 29.06 -1.75
C PRO C 135 -2.81 28.68 -0.70
N ILE C 136 -3.12 27.37 -0.61
CA ILE C 136 -4.05 26.84 0.40
C ILE C 136 -3.30 26.20 1.55
N PRO C 137 -3.56 26.64 2.78
CA PRO C 137 -2.79 26.08 3.86
C PRO C 137 -3.03 24.57 4.04
N THR C 138 -2.01 23.88 4.54
CA THR C 138 -2.07 22.46 4.81
C THR C 138 -1.61 22.22 6.21
N THR C 139 -1.96 21.04 6.72
CA THR C 139 -1.55 20.59 8.04
C THR C 139 -0.55 19.49 7.75
N ILE C 140 0.56 19.49 8.49
CA ILE C 140 1.56 18.44 8.39
C ILE C 140 1.59 17.62 9.66
N MET C 141 1.67 16.31 9.48
CA MET C 141 1.61 15.37 10.59
C MET C 141 2.41 14.09 10.34
N ALA C 142 2.80 13.49 11.47
CA ALA C 142 3.58 12.27 11.51
C ALA C 142 2.66 11.05 11.56
N LYS C 143 2.89 10.10 10.69
CA LYS C 143 2.12 8.87 10.65
C LYS C 143 2.65 7.93 11.71
N ASN C 144 1.74 7.35 12.49
CA ASN C 144 2.08 6.29 13.44
C ASN C 144 1.87 4.91 12.84
N GLU C 145 2.96 4.21 12.56
CA GLU C 145 2.87 2.81 12.13
C GLU C 145 3.81 1.98 12.96
N VAL C 146 3.47 0.71 13.07
CA VAL C 146 4.20 -0.24 13.86
C VAL C 146 5.14 -1.07 13.01
N PHE C 147 6.32 -1.32 13.57
CA PHE C 147 7.35 -2.15 12.93
C PHE C 147 8.16 -2.92 13.97
N CYS C 148 8.92 -3.87 13.47
CA CYS C 148 9.93 -4.55 14.23
C CYS C 148 11.25 -3.78 14.08
N VAL C 149 11.99 -3.52 15.17
CA VAL C 149 13.28 -2.81 15.04
C VAL C 149 14.17 -3.60 14.11
N ASP C 150 15.03 -2.92 13.35
CA ASP C 150 15.98 -3.61 12.47
C ASP C 150 17.35 -2.98 12.56
N PRO C 151 18.23 -3.53 13.40
CA PRO C 151 19.49 -2.79 13.62
C PRO C 151 20.35 -2.71 12.36
N ALA C 152 20.17 -3.67 11.44
CA ALA C 152 20.81 -3.60 10.11
C ALA C 152 20.51 -2.26 9.40
N LYS C 153 19.23 -1.90 9.29
CA LYS C 153 18.82 -0.68 8.59
C LYS C 153 18.46 0.49 9.55
N GLY C 154 19.25 0.67 10.61
CA GLY C 154 19.18 1.88 11.46
C GLY C 154 18.50 1.80 12.83
N GLY C 155 17.86 0.68 13.15
CA GLY C 155 17.09 0.56 14.40
C GLY C 155 15.61 0.87 14.19
N LYS C 156 15.21 2.10 14.52
CA LYS C 156 13.84 2.56 14.34
C LYS C 156 13.65 3.53 13.18
N LYS C 157 12.81 3.17 12.19
CA LYS C 157 12.42 4.10 11.12
C LYS C 157 11.80 5.37 11.70
N PRO C 158 12.17 6.55 11.15
CA PRO C 158 11.41 7.73 11.51
C PRO C 158 10.04 7.76 10.83
N ALA C 159 9.10 8.48 11.42
CA ALA C 159 7.73 8.58 10.93
C ALA C 159 7.63 9.21 9.57
N ARG C 160 6.70 8.68 8.79
CA ARG C 160 6.35 9.22 7.51
C ARG C 160 5.64 10.57 7.72
N LEU C 161 5.78 11.47 6.76
CA LEU C 161 5.15 12.78 6.85
C LEU C 161 3.92 12.80 5.98
N ILE C 162 2.81 13.15 6.60
CA ILE C 162 1.54 13.27 5.92
C ILE C 162 1.14 14.74 5.87
N VAL C 163 0.67 15.18 4.72
CA VAL C 163 0.39 16.59 4.49
C VAL C 163 -0.94 16.74 3.79
N TYR C 164 -1.85 17.47 4.42
CA TYR C 164 -3.20 17.53 3.91
C TYR C 164 -3.97 18.85 4.20
N PRO C 165 -4.86 19.24 3.28
CA PRO C 165 -5.73 20.39 3.46
C PRO C 165 -6.92 20.04 4.32
N ASP C 166 -7.57 21.08 4.83
CA ASP C 166 -8.81 20.97 5.61
C ASP C 166 -9.91 20.20 4.89
N LEU C 167 -10.80 19.63 5.69
CA LEU C 167 -11.86 18.79 5.17
C LEU C 167 -12.65 19.39 3.98
N GLY C 168 -13.08 20.65 4.10
CA GLY C 168 -13.81 21.32 3.03
C GLY C 168 -13.10 21.23 1.70
N VAL C 169 -11.78 21.42 1.73
CA VAL C 169 -11.00 21.28 0.51
C VAL C 169 -10.97 19.84 0.02
N ARG C 170 -10.79 18.90 0.94
CA ARG C 170 -10.79 17.48 0.53
C ARG C 170 -12.04 17.13 -0.24
N VAL C 171 -13.19 17.67 0.18
CA VAL C 171 -14.42 17.39 -0.54
C VAL C 171 -14.41 17.99 -1.95
N CYS C 172 -13.94 19.23 -2.06
CA CYS C 172 -13.86 19.90 -3.37
C CYS C 172 -12.92 19.18 -4.34
N GLU C 173 -11.78 18.71 -3.83
CA GLU C 173 -10.92 17.84 -4.63
C GLU C 173 -11.70 16.74 -5.27
N LYS C 174 -12.55 16.09 -4.46
CA LYS C 174 -13.35 14.98 -4.96
C LYS C 174 -14.32 15.41 -6.03
N MET C 175 -14.93 16.59 -5.87
CA MET C 175 -15.90 17.05 -6.88
C MET C 175 -15.20 17.18 -8.24
N ALA C 176 -14.06 17.88 -8.24
CA ALA C 176 -13.25 18.07 -9.44
C ALA C 176 -12.66 16.76 -10.03
N LEU C 177 -12.14 15.88 -9.15
CA LEU C 177 -11.24 14.81 -9.60
C LEU C 177 -11.63 13.36 -9.37
N TYR C 178 -12.57 13.07 -8.48
CA TYR C 178 -12.92 11.68 -8.24
C TYR C 178 -13.19 10.92 -9.53
N ASP C 179 -13.95 11.51 -10.42
CA ASP C 179 -14.32 10.72 -11.59
C ASP C 179 -13.08 10.41 -12.42
N ILE C 180 -12.18 11.39 -12.53
CA ILE C 180 -10.90 11.14 -13.20
C ILE C 180 -10.14 9.98 -12.57
N THR C 181 -10.04 9.97 -11.23
CA THR C 181 -9.30 8.90 -10.55
C THR C 181 -9.86 7.52 -10.87
N GLN C 182 -11.12 7.44 -11.25
CA GLN C 182 -11.74 6.16 -11.59
C GLN C 182 -11.51 5.74 -13.04
N LYS C 183 -11.13 6.66 -13.90
CA LYS C 183 -11.11 6.35 -15.33
C LYS C 183 -9.76 6.49 -16.02
N LEU C 184 -9.02 7.52 -15.64
CA LEU C 184 -7.80 7.94 -16.32
C LEU C 184 -6.65 6.93 -16.23
N PRO C 185 -6.30 6.51 -14.99
CA PRO C 185 -5.17 5.61 -14.84
C PRO C 185 -5.31 4.41 -15.75
N GLN C 186 -6.42 3.68 -15.67
CA GLN C 186 -6.55 2.50 -16.51
C GLN C 186 -6.53 2.88 -17.99
N ALA C 187 -7.05 4.04 -18.34
CA ALA C 187 -7.07 4.47 -19.72
C ALA C 187 -5.63 4.75 -20.22
N VAL C 188 -4.84 5.43 -19.42
CA VAL C 188 -3.47 5.72 -19.78
C VAL C 188 -2.56 4.48 -19.80
N MET C 189 -2.72 3.57 -18.85
CA MET C 189 -1.76 2.48 -18.58
C MET C 189 -2.21 1.12 -18.98
N GLY C 190 -3.48 0.96 -19.31
CA GLY C 190 -4.01 -0.33 -19.69
C GLY C 190 -3.69 -1.41 -18.68
N ALA C 191 -3.30 -2.56 -19.20
CA ALA C 191 -2.94 -3.72 -18.39
C ALA C 191 -1.84 -3.43 -17.32
N SER C 192 -1.01 -2.40 -17.53
CA SER C 192 0.05 -2.07 -16.58
C SER C 192 -0.40 -1.47 -15.23
N TYR C 193 -1.66 -1.10 -15.13
CA TYR C 193 -2.13 -0.41 -13.93
C TYR C 193 -2.42 -1.45 -12.86
N GLY C 194 -1.63 -1.41 -11.79
CA GLY C 194 -1.63 -2.50 -10.83
C GLY C 194 -2.86 -2.61 -9.97
N PHE C 195 -3.30 -1.49 -9.41
CA PHE C 195 -4.48 -1.47 -8.55
C PHE C 195 -5.73 -2.14 -9.17
N GLN C 196 -5.89 -2.12 -10.48
CA GLN C 196 -7.01 -2.84 -11.14
C GLN C 196 -7.09 -4.33 -10.81
N TYR C 197 -5.96 -4.96 -10.52
CA TYR C 197 -5.92 -6.41 -10.34
C TYR C 197 -6.18 -6.79 -8.92
N SER C 198 -6.74 -7.98 -8.77
CA SER C 198 -6.76 -8.69 -7.49
C SER C 198 -5.39 -9.32 -7.26
N PRO C 199 -5.15 -9.87 -6.08
CA PRO C 199 -3.83 -10.51 -5.86
C PRO C 199 -3.61 -11.74 -6.72
N ALA C 200 -4.67 -12.45 -7.07
CA ALA C 200 -4.51 -13.67 -7.81
C ALA C 200 -4.43 -13.33 -9.28
N GLN C 201 -5.10 -12.28 -9.69
CA GLN C 201 -4.87 -11.78 -11.04
C GLN C 201 -3.42 -11.26 -11.21
N ARG C 202 -2.86 -10.70 -10.14
CA ARG C 202 -1.52 -10.12 -10.19
C ARG C 202 -0.54 -11.22 -10.49
N VAL C 203 -0.70 -12.32 -9.76
CA VAL C 203 0.14 -13.48 -9.90
C VAL C 203 0.02 -14.08 -11.30
N GLU C 204 -1.20 -14.19 -11.79
CA GLU C 204 -1.45 -14.71 -13.12
C GLU C 204 -0.82 -13.79 -14.17
N TYR C 205 -0.91 -12.48 -13.96
CA TYR C 205 -0.36 -11.52 -14.86
C TYR C 205 1.15 -11.65 -14.93
N LEU C 206 1.79 -11.87 -13.80
CA LEU C 206 3.23 -11.99 -13.77
C LEU C 206 3.68 -13.27 -14.44
N LEU C 207 3.02 -14.38 -14.15
CA LEU C 207 3.32 -15.62 -14.83
C LEU C 207 3.07 -15.60 -16.33
N LYS C 208 2.00 -14.93 -16.80
CA LYS C 208 1.74 -14.84 -18.25
C LYS C 208 2.92 -14.05 -18.85
N ALA C 209 3.23 -12.91 -18.23
CA ALA C 209 4.33 -12.06 -18.66
C ALA C 209 5.62 -12.84 -18.76
N TRP C 210 5.89 -13.63 -17.74
CA TRP C 210 7.12 -14.39 -17.66
C TRP C 210 7.12 -15.45 -18.74
N ALA C 211 6.00 -16.15 -18.86
CA ALA C 211 5.88 -17.25 -19.81
C ALA C 211 6.04 -16.81 -21.25
N GLU C 212 5.56 -15.63 -21.58
CA GLU C 212 5.52 -15.26 -22.98
C GLU C 212 6.88 -14.78 -23.52
N LYS C 213 7.87 -14.58 -22.66
CA LYS C 213 9.22 -14.26 -23.15
C LYS C 213 9.90 -15.52 -23.61
N LYS C 214 10.69 -15.42 -24.68
CA LYS C 214 11.58 -16.51 -25.09
C LYS C 214 12.58 -16.75 -23.95
N ASP C 215 13.03 -15.69 -23.31
CA ASP C 215 14.10 -15.76 -22.32
C ASP C 215 14.01 -14.61 -21.29
N PRO C 216 13.15 -14.76 -20.28
CA PRO C 216 12.71 -13.66 -19.43
C PRO C 216 13.74 -13.10 -18.50
N MET C 217 13.60 -11.84 -18.16
CA MET C 217 14.45 -11.14 -17.19
C MET C 217 13.53 -10.21 -16.47
N GLY C 218 13.63 -10.15 -15.14
CA GLY C 218 12.69 -9.37 -14.37
C GLY C 218 13.39 -8.43 -13.45
N PHE C 219 12.78 -7.31 -13.11
CA PHE C 219 13.30 -6.52 -11.99
C PHE C 219 12.21 -5.64 -11.39
N SER C 220 12.51 -5.07 -10.24
CA SER C 220 11.61 -4.15 -9.59
C SER C 220 12.37 -2.85 -9.23
N TYR C 221 11.60 -1.78 -9.03
CA TYR C 221 12.14 -0.46 -8.74
C TYR C 221 11.19 0.17 -7.74
N ASP C 222 11.76 0.98 -6.86
CA ASP C 222 11.03 1.80 -5.92
C ASP C 222 11.82 3.12 -5.78
N THR C 223 11.12 4.22 -5.50
CA THR C 223 11.82 5.49 -5.47
C THR C 223 11.96 5.88 -4.03
N ARG C 224 13.11 6.45 -3.72
CA ARG C 224 13.46 6.81 -2.39
C ARG C 224 12.74 8.10 -2.05
N HIS C 225 11.80 8.04 -1.12
CA HIS C 225 11.06 9.22 -0.70
C HIS C 225 10.31 9.81 -1.88
N PHE C 226 9.48 9.01 -2.53
CA PHE C 226 8.92 9.41 -3.81
C PHE C 226 8.22 10.75 -3.75
N ASP C 227 7.35 10.96 -2.77
CA ASP C 227 6.63 12.24 -2.73
C ASP C 227 7.56 13.46 -2.72
N SER C 228 8.69 13.32 -2.07
CA SER C 228 9.68 14.35 -2.07
C SER C 228 10.34 14.56 -3.43
N THR C 229 10.40 13.53 -4.26
CA THR C 229 11.10 13.64 -5.53
C THR C 229 10.25 14.20 -6.62
N VAL C 230 8.95 14.34 -6.35
CA VAL C 230 8.03 14.89 -7.32
C VAL C 230 8.21 16.42 -7.43
N THR C 231 8.51 16.89 -8.63
CA THR C 231 8.71 18.32 -8.87
C THR C 231 7.43 19.08 -9.28
N GLU C 232 7.43 20.39 -9.03
CA GLU C 232 6.40 21.32 -9.57
C GLU C 232 6.06 21.03 -11.02
N ARG C 233 7.09 20.83 -11.81
CA ARG C 233 6.86 20.59 -13.20
C ARG C 233 6.14 19.24 -13.40
N ASP C 234 6.42 18.29 -12.53
CA ASP C 234 5.79 16.98 -12.63
C ASP C 234 4.31 17.08 -12.33
N ILE C 235 4.00 17.93 -11.35
CA ILE C 235 2.64 18.15 -10.88
C ILE C 235 1.83 18.91 -11.89
N ARG C 236 2.49 19.87 -12.55
CA ARG C 236 1.85 20.61 -13.66
C ARG C 236 1.68 19.75 -14.88
N THR C 237 2.64 18.88 -15.11
CA THR C 237 2.47 17.89 -16.17
C THR C 237 1.35 16.94 -15.78
N GLU C 238 1.19 16.70 -14.48
CA GLU C 238 0.07 15.89 -14.05
C GLU C 238 -1.25 16.63 -14.42
N GLU C 239 -1.32 17.92 -14.12
CA GLU C 239 -2.51 18.71 -14.50
C GLU C 239 -2.81 18.55 -15.98
N SER C 240 -1.82 18.77 -16.82
CA SER C 240 -2.05 18.75 -18.25
C SER C 240 -2.48 17.39 -18.76
N ILE C 241 -2.20 16.33 -18.00
CA ILE C 241 -2.71 15.03 -18.35
C ILE C 241 -4.19 14.96 -17.97
N TYR C 242 -4.53 15.54 -16.82
CA TYR C 242 -5.91 15.60 -16.36
C TYR C 242 -6.74 16.42 -17.36
N GLN C 243 -6.19 17.58 -17.73
CA GLN C 243 -6.83 18.45 -18.74
C GLN C 243 -6.97 17.82 -20.14
N ALA C 244 -6.21 16.81 -20.48
CA ALA C 244 -6.35 16.25 -21.80
C ALA C 244 -7.63 15.45 -21.96
N CYS C 245 -8.38 15.23 -20.89
CA CYS C 245 -9.67 14.52 -21.02
C CYS C 245 -10.71 15.55 -21.44
N SER C 246 -11.88 15.08 -21.84
CA SER C 246 -13.01 15.99 -22.07
C SER C 246 -13.66 16.24 -20.70
N LEU C 247 -13.78 17.52 -20.35
CA LEU C 247 -14.22 17.99 -19.04
C LEU C 247 -15.08 19.24 -19.14
N PRO C 248 -16.11 19.33 -18.29
CA PRO C 248 -16.77 20.58 -18.02
C PRO C 248 -15.79 21.69 -17.73
N GLU C 249 -16.03 22.87 -18.25
CA GLU C 249 -15.12 23.99 -18.02
C GLU C 249 -14.97 24.24 -16.52
N GLU C 250 -16.02 23.92 -15.77
CA GLU C 250 -16.05 24.18 -14.34
C GLU C 250 -15.01 23.31 -13.61
N ALA C 251 -14.85 22.09 -14.15
CA ALA C 251 -13.83 21.15 -13.69
C ALA C 251 -12.42 21.68 -13.99
N ARG C 252 -12.16 22.03 -15.24
CA ARG C 252 -10.85 22.56 -15.63
C ARG C 252 -10.37 23.68 -14.72
N THR C 253 -11.25 24.59 -14.39
CA THR C 253 -10.86 25.72 -13.60
C THR C 253 -10.52 25.23 -12.21
N ALA C 254 -11.29 24.24 -11.75
CA ALA C 254 -11.09 23.67 -10.40
C ALA C 254 -9.77 22.88 -10.34
N ILE C 255 -9.59 21.96 -11.28
CA ILE C 255 -8.32 21.30 -11.42
C ILE C 255 -7.18 22.31 -11.41
N HIS C 256 -7.23 23.28 -12.33
CA HIS C 256 -6.12 24.22 -12.52
C HIS C 256 -5.81 24.95 -11.24
N SER C 257 -6.87 25.27 -10.52
CA SER C 257 -6.74 26.06 -9.32
C SER C 257 -6.17 25.21 -8.18
N LEU C 258 -6.65 23.97 -8.08
CA LEU C 258 -6.14 23.01 -7.10
C LEU C 258 -4.67 22.74 -7.39
N THR C 259 -4.37 22.52 -8.66
CA THR C 259 -2.98 22.37 -9.05
C THR C 259 -2.14 23.50 -8.55
N GLU C 260 -2.49 24.73 -8.92
CA GLU C 260 -1.64 25.87 -8.58
C GLU C 260 -1.67 26.25 -7.12
N ARG C 261 -2.77 25.98 -6.43
CA ARG C 261 -2.92 26.48 -5.05
C ARG C 261 -2.58 25.46 -3.98
N LEU C 262 -2.59 24.18 -4.36
CA LEU C 262 -2.45 23.07 -3.43
C LEU C 262 -1.40 22.06 -3.87
N TYR C 263 -1.58 21.50 -5.07
CA TYR C 263 -0.77 20.40 -5.51
C TYR C 263 0.72 20.71 -5.73
N VAL C 264 1.07 21.88 -6.28
CA VAL C 264 2.48 22.20 -6.54
C VAL C 264 3.21 22.71 -5.32
N GLY C 265 2.48 23.03 -4.26
CA GLY C 265 3.17 23.48 -3.06
C GLY C 265 2.32 24.30 -2.14
N GLY C 266 2.91 24.75 -1.04
CA GLY C 266 2.22 25.61 -0.10
C GLY C 266 2.80 25.63 1.31
N PRO C 267 2.23 26.48 2.16
CA PRO C 267 2.66 26.52 3.55
C PRO C 267 2.09 25.38 4.36
N MET C 268 2.86 24.97 5.35
CA MET C 268 2.50 23.84 6.15
C MET C 268 2.39 24.29 7.57
N PHE C 269 1.33 23.86 8.22
CA PHE C 269 1.13 24.19 9.62
C PHE C 269 1.19 22.93 10.44
N ASN C 270 1.80 23.02 11.61
CA ASN C 270 1.82 21.90 12.54
C ASN C 270 0.49 21.87 13.27
N SER C 271 0.26 20.83 14.06
CA SER C 271 -1.05 20.59 14.61
C SER C 271 -1.46 21.59 15.67
N LYS C 272 -0.51 22.41 16.11
CA LYS C 272 -0.74 23.41 17.16
C LYS C 272 -0.90 24.80 16.53
N GLY C 273 -0.96 24.88 15.20
CA GLY C 273 -1.25 26.15 14.51
C GLY C 273 -0.07 26.91 13.91
N GLN C 274 1.15 26.63 14.38
CA GLN C 274 2.34 27.35 13.89
C GLN C 274 2.70 27.06 12.44
N THR C 275 3.24 28.05 11.75
CA THR C 275 3.83 27.86 10.43
C THR C 275 5.01 26.94 10.59
N CYS C 276 5.04 25.90 9.76
CA CYS C 276 5.99 24.83 9.95
C CYS C 276 7.03 24.79 8.85
N GLY C 277 6.63 25.16 7.64
CA GLY C 277 7.55 25.11 6.52
C GLY C 277 6.78 25.32 5.27
N TYR C 278 7.42 25.10 4.14
CA TYR C 278 6.79 25.29 2.85
C TYR C 278 7.26 24.14 1.99
N ARG C 279 6.45 23.80 1.00
CA ARG C 279 6.49 22.53 0.34
C ARG C 279 6.48 22.73 -1.16
N ARG C 280 7.38 22.08 -1.88
CA ARG C 280 7.43 22.25 -3.33
C ARG C 280 7.46 20.91 -4.03
N CYS C 281 6.79 19.95 -3.41
CA CYS C 281 6.65 18.58 -3.93
C CYS C 281 5.27 18.07 -3.55
N ARG C 282 5.03 16.81 -3.89
CA ARG C 282 3.81 16.10 -3.57
C ARG C 282 3.50 16.15 -2.09
N ALA C 283 2.25 16.50 -1.78
CA ALA C 283 1.71 16.35 -0.45
C ALA C 283 0.96 15.04 -0.47
N SER C 284 1.37 14.14 0.40
CA SER C 284 0.80 12.82 0.41
C SER C 284 -0.35 12.91 1.39
N GLY C 285 -1.56 12.75 0.90
CA GLY C 285 -2.73 13.23 1.64
C GLY C 285 -3.79 13.89 0.78
N VAL C 286 -3.44 14.28 -0.44
CA VAL C 286 -4.39 14.84 -1.37
C VAL C 286 -4.97 13.68 -2.19
N LEU C 287 -6.10 13.94 -2.83
CA LEU C 287 -6.82 12.94 -3.58
C LEU C 287 -5.99 12.35 -4.68
N THR C 288 -5.14 13.18 -5.26
CA THR C 288 -4.34 12.78 -6.41
C THR C 288 -3.04 12.05 -6.05
N THR C 289 -2.79 11.84 -4.75
CA THR C 289 -1.61 11.10 -4.34
C THR C 289 -1.41 9.79 -5.13
N SER C 290 -2.35 8.87 -5.06
CA SER C 290 -2.16 7.56 -5.72
C SER C 290 -2.10 7.66 -7.21
N MET C 291 -3.09 8.32 -7.78
CA MET C 291 -3.21 8.43 -9.24
C MET C 291 -1.99 9.17 -9.77
N GLY C 292 -1.68 10.31 -9.12
CA GLY C 292 -0.55 11.13 -9.48
C GLY C 292 0.72 10.30 -9.46
N ASN C 293 1.05 9.76 -8.30
CA ASN C 293 2.22 8.90 -8.14
C ASN C 293 2.25 7.82 -9.18
N THR C 294 1.16 7.08 -9.30
CA THR C 294 1.12 5.97 -10.24
C THR C 294 1.45 6.45 -11.66
N ILE C 295 0.82 7.55 -12.08
CA ILE C 295 0.94 7.97 -13.47
C ILE C 295 2.35 8.50 -13.74
N THR C 296 2.80 9.36 -12.85
CA THR C 296 4.09 9.98 -12.98
C THR C 296 5.19 8.93 -12.93
N CYS C 297 5.07 7.97 -12.03
CA CYS C 297 6.02 6.89 -12.00
C CYS C 297 6.02 6.18 -13.34
N TYR C 298 4.83 5.93 -13.85
CA TYR C 298 4.70 5.24 -15.11
C TYR C 298 5.36 5.97 -16.30
N VAL C 299 5.30 7.29 -16.33
CA VAL C 299 5.89 8.08 -17.42
C VAL C 299 7.42 7.96 -17.39
N LYS C 300 7.98 8.31 -16.23
CA LYS C 300 9.40 8.19 -16.01
C LYS C 300 9.93 6.78 -16.33
N ALA C 301 9.23 5.76 -15.83
CA ALA C 301 9.65 4.39 -15.97
C ALA C 301 9.58 3.91 -17.39
N LEU C 302 8.53 4.29 -18.11
CA LEU C 302 8.44 3.84 -19.49
C LEU C 302 9.49 4.57 -20.34
N ALA C 303 9.79 5.81 -19.98
CA ALA C 303 10.81 6.55 -20.68
C ALA C 303 12.15 5.91 -20.35
N ALA C 304 12.43 5.71 -19.06
CA ALA C 304 13.68 5.07 -18.61
C ALA C 304 13.88 3.71 -19.28
N CYS C 305 12.81 2.95 -19.43
CA CYS C 305 12.91 1.69 -20.15
C CYS C 305 13.43 1.96 -21.53
N LYS C 306 12.84 2.94 -22.19
CA LYS C 306 13.23 3.27 -23.56
C LYS C 306 14.65 3.85 -23.56
N ALA C 307 14.97 4.73 -22.64
CA ALA C 307 16.34 5.22 -22.53
C ALA C 307 17.39 4.08 -22.41
N ALA C 308 16.96 2.88 -22.01
CA ALA C 308 17.90 1.86 -21.59
C ALA C 308 17.86 0.61 -22.44
N GLY C 309 17.00 0.54 -23.41
CA GLY C 309 16.98 -0.63 -24.28
C GLY C 309 16.24 -1.83 -23.73
N ILE C 310 15.37 -1.65 -22.75
CA ILE C 310 14.66 -2.79 -22.22
C ILE C 310 13.77 -3.28 -23.33
N VAL C 311 13.91 -4.56 -23.70
CA VAL C 311 13.22 -5.14 -24.84
C VAL C 311 11.92 -5.77 -24.42
N ALA C 312 10.86 -5.47 -25.15
CA ALA C 312 9.55 -6.07 -24.88
C ALA C 312 9.16 -6.01 -23.40
N PRO C 313 9.21 -4.82 -22.81
CA PRO C 313 8.88 -4.69 -21.39
C PRO C 313 7.42 -4.90 -21.16
N THR C 314 7.07 -5.67 -20.14
CA THR C 314 5.74 -5.75 -19.59
C THR C 314 5.79 -5.22 -18.18
N MET C 315 5.00 -4.20 -17.90
CA MET C 315 5.07 -3.51 -16.62
C MET C 315 3.87 -3.74 -15.75
N LEU C 316 4.11 -3.63 -14.47
CA LEU C 316 3.09 -3.53 -13.49
C LEU C 316 3.49 -2.35 -12.66
N VAL C 317 2.62 -1.34 -12.54
CA VAL C 317 2.89 -0.17 -11.69
C VAL C 317 1.81 0.04 -10.64
N CYS C 318 2.25 0.29 -9.42
CA CYS C 318 1.38 0.61 -8.31
C CYS C 318 2.08 1.72 -7.57
N GLY C 319 1.64 2.96 -7.75
CA GLY C 319 2.25 4.07 -7.06
C GLY C 319 3.69 4.17 -7.53
N ASP C 320 4.66 4.24 -6.60
CA ASP C 320 6.09 4.32 -7.02
C ASP C 320 6.75 2.97 -7.14
N ASP C 321 5.95 1.91 -7.24
CA ASP C 321 6.41 0.55 -7.12
C ASP C 321 6.13 -0.09 -8.44
N LEU C 322 7.16 -0.74 -8.96
CA LEU C 322 7.22 -1.03 -10.35
C LEU C 322 7.84 -2.41 -10.55
N ILE C 323 7.29 -3.19 -11.47
CA ILE C 323 7.92 -4.43 -11.86
C ILE C 323 8.02 -4.47 -13.36
N VAL C 324 9.16 -4.82 -13.90
CA VAL C 324 9.27 -4.98 -15.35
C VAL C 324 9.79 -6.33 -15.71
N ILE C 325 9.13 -6.98 -16.65
CA ILE C 325 9.54 -8.29 -17.13
C ILE C 325 9.79 -8.22 -18.64
N SER C 326 11.03 -8.48 -19.05
CA SER C 326 11.45 -8.22 -20.42
C SER C 326 12.20 -9.41 -20.97
N GLU C 327 12.66 -9.27 -22.22
CA GLU C 327 13.53 -10.24 -22.87
C GLU C 327 14.93 -9.93 -22.49
N SER C 328 15.58 -10.90 -21.85
CA SER C 328 16.97 -10.76 -21.45
C SER C 328 17.77 -10.57 -22.70
N GLN C 329 18.74 -9.66 -22.63
CA GLN C 329 19.72 -9.44 -23.71
C GLN C 329 21.09 -10.05 -23.38
N GLY C 330 21.08 -11.14 -22.60
CA GLY C 330 22.28 -11.59 -21.93
C GLY C 330 22.51 -10.79 -20.65
N THR C 331 23.16 -11.42 -19.70
CA THR C 331 23.30 -10.82 -18.41
C THR C 331 24.24 -9.64 -18.44
N GLU C 332 25.25 -9.66 -19.29
CA GLU C 332 26.22 -8.55 -19.33
C GLU C 332 25.50 -7.26 -19.76
N GLU C 333 24.74 -7.36 -20.87
CA GLU C 333 23.87 -6.29 -21.32
C GLU C 333 22.78 -5.95 -20.30
N ASP C 334 22.07 -6.96 -19.78
CA ASP C 334 21.04 -6.76 -18.73
C ASP C 334 21.56 -5.91 -17.57
N GLU C 335 22.81 -6.09 -17.16
CA GLU C 335 23.36 -5.29 -16.06
C GLU C 335 23.54 -3.85 -16.54
N ARG C 336 24.07 -3.71 -17.74
CA ARG C 336 24.36 -2.40 -18.28
C ARG C 336 23.05 -1.60 -18.47
N ASN C 337 22.04 -2.24 -19.01
CA ASN C 337 20.74 -1.61 -19.19
C ASN C 337 20.05 -1.20 -17.91
N LEU C 338 20.15 -2.01 -16.87
CA LEU C 338 19.60 -1.59 -15.58
C LEU C 338 20.38 -0.44 -14.97
N ARG C 339 21.68 -0.38 -15.22
CA ARG C 339 22.46 0.74 -14.72
C ARG C 339 21.91 1.99 -15.40
N ALA C 340 21.65 1.88 -16.70
CA ALA C 340 21.12 2.95 -17.54
C ALA C 340 19.69 3.37 -17.17
N PHE C 341 18.80 2.37 -17.01
CA PHE C 341 17.46 2.59 -16.48
C PHE C 341 17.53 3.47 -15.24
N THR C 342 18.42 3.11 -14.34
CA THR C 342 18.52 3.82 -13.06
C THR C 342 19.11 5.23 -13.22
N GLU C 343 20.02 5.40 -14.17
CA GLU C 343 20.57 6.73 -14.44
C GLU C 343 19.43 7.62 -14.97
N ALA C 344 18.69 7.11 -15.95
CA ALA C 344 17.55 7.83 -16.51
C ALA C 344 16.55 8.22 -15.43
N MET C 345 16.12 7.26 -14.61
CA MET C 345 15.14 7.58 -13.54
C MET C 345 15.72 8.66 -12.65
N THR C 346 17.02 8.56 -12.38
CA THR C 346 17.68 9.55 -11.54
C THR C 346 17.68 10.95 -12.21
N ARG C 347 17.86 10.99 -13.52
CA ARG C 347 17.82 12.26 -14.24
C ARG C 347 16.40 12.81 -14.15
N TYR C 348 15.39 11.95 -14.29
CA TYR C 348 13.99 12.36 -14.14
C TYR C 348 13.53 12.66 -12.70
N SER C 349 14.42 12.61 -11.72
CA SER C 349 14.05 12.86 -10.33
C SER C 349 13.16 11.75 -9.70
N ALA C 350 13.48 10.50 -10.00
CA ALA C 350 12.95 9.38 -9.26
C ALA C 350 14.11 8.40 -8.99
N PRO C 351 15.04 8.79 -8.11
CA PRO C 351 16.18 7.93 -7.78
C PRO C 351 15.76 6.74 -6.91
N PRO C 352 16.51 5.63 -6.97
CA PRO C 352 16.12 4.39 -6.32
C PRO C 352 16.47 4.39 -4.85
N GLY C 353 15.68 3.71 -4.04
CA GLY C 353 16.08 3.39 -2.66
C GLY C 353 17.30 2.47 -2.73
N ASP C 354 17.09 1.25 -3.18
CA ASP C 354 18.18 0.30 -3.38
C ASP C 354 18.31 0.08 -4.88
N PRO C 355 19.52 0.21 -5.41
CA PRO C 355 19.52 0.18 -6.88
C PRO C 355 19.06 -1.19 -7.34
N PRO C 356 18.41 -1.27 -8.50
CA PRO C 356 17.85 -2.52 -8.95
C PRO C 356 18.85 -3.47 -9.60
N ARG C 357 18.36 -4.65 -9.95
CA ARG C 357 19.18 -5.78 -10.32
C ARG C 357 18.42 -6.78 -11.20
N PRO C 358 19.03 -7.22 -12.30
CA PRO C 358 18.28 -8.18 -13.08
C PRO C 358 18.15 -9.50 -12.34
N GLU C 359 17.01 -10.15 -12.50
CA GLU C 359 16.78 -11.45 -11.93
C GLU C 359 16.19 -12.36 -12.97
N TYR C 360 16.39 -13.67 -12.79
CA TYR C 360 15.91 -14.64 -13.78
C TYR C 360 15.09 -15.74 -13.14
N ASP C 361 14.49 -15.43 -12.00
CA ASP C 361 13.69 -16.33 -11.25
C ASP C 361 12.66 -15.49 -10.58
N LEU C 362 11.40 -15.88 -10.74
CA LEU C 362 10.32 -15.02 -10.33
C LEU C 362 10.26 -14.78 -8.85
N GLU C 363 10.79 -15.71 -8.04
CA GLU C 363 10.67 -15.60 -6.57
C GLU C 363 11.51 -14.45 -6.01
N LEU C 364 12.60 -14.10 -6.70
CA LEU C 364 13.52 -13.09 -6.21
C LEU C 364 13.11 -11.64 -6.47
N ILE C 365 11.94 -11.42 -7.07
CA ILE C 365 11.47 -10.09 -7.37
C ILE C 365 10.45 -9.68 -6.35
N THR C 366 10.78 -8.68 -5.53
CA THR C 366 9.86 -8.14 -4.53
C THR C 366 9.32 -6.77 -4.94
N SER C 367 8.02 -6.55 -4.78
CA SER C 367 7.44 -5.23 -5.01
C SER C 367 6.19 -5.08 -4.16
N CYS C 368 5.92 -3.87 -3.68
CA CYS C 368 4.84 -3.66 -2.69
C CYS C 368 4.99 -4.62 -1.51
N SER C 369 6.21 -4.72 -1.01
CA SER C 369 6.54 -5.57 0.14
C SER C 369 6.23 -7.05 -0.01
N SER C 370 5.99 -7.50 -1.23
CA SER C 370 5.56 -8.87 -1.47
C SER C 370 6.14 -9.50 -2.74
N ASN C 371 6.01 -10.81 -2.83
CA ASN C 371 6.52 -11.53 -4.00
C ASN C 371 5.76 -12.79 -4.22
N VAL C 372 5.99 -13.36 -5.38
CA VAL C 372 5.41 -14.61 -5.80
C VAL C 372 6.28 -15.74 -5.34
N SER C 373 5.65 -16.81 -4.88
CA SER C 373 6.37 -18.01 -4.54
C SER C 373 5.58 -19.19 -5.05
N VAL C 374 6.11 -20.37 -4.78
CA VAL C 374 5.55 -21.59 -5.28
C VAL C 374 5.57 -22.67 -4.22
N ALA C 375 4.52 -23.48 -4.25
CA ALA C 375 4.46 -24.70 -3.49
C ALA C 375 3.68 -25.77 -4.29
N LEU C 376 3.57 -26.97 -3.74
CA LEU C 376 2.83 -28.06 -4.36
C LEU C 376 1.45 -28.13 -3.75
N GLY C 377 0.49 -28.48 -4.59
CA GLY C 377 -0.91 -28.60 -4.21
C GLY C 377 -1.32 -30.04 -3.95
N PRO C 378 -2.62 -30.26 -3.75
CA PRO C 378 -3.13 -31.55 -3.28
C PRO C 378 -2.79 -32.68 -4.25
N ARG C 379 -2.85 -32.41 -5.56
CA ARG C 379 -2.54 -33.45 -6.55
C ARG C 379 -1.07 -33.43 -7.08
N GLY C 380 -0.20 -32.61 -6.49
CA GLY C 380 1.24 -32.56 -6.90
C GLY C 380 1.63 -31.49 -7.92
N ARG C 381 0.66 -30.68 -8.36
CA ARG C 381 0.87 -29.62 -9.35
C ARG C 381 1.45 -28.34 -8.67
N ARG C 382 2.29 -27.57 -9.36
CA ARG C 382 2.89 -26.35 -8.79
C ARG C 382 1.80 -25.31 -8.62
N ARG C 383 1.72 -24.73 -7.44
CA ARG C 383 0.71 -23.70 -7.18
C ARG C 383 1.46 -22.41 -6.73
N TYR C 384 1.27 -21.34 -7.49
CA TYR C 384 1.95 -20.09 -7.32
C TYR C 384 1.03 -19.16 -6.52
N TYR C 385 1.61 -18.34 -5.64
CA TYR C 385 0.81 -17.56 -4.71
C TYR C 385 1.63 -16.39 -4.22
N LEU C 386 0.99 -15.50 -3.50
CA LEU C 386 1.64 -14.27 -3.09
C LEU C 386 1.96 -14.32 -1.59
N THR C 387 3.12 -13.78 -1.21
CA THR C 387 3.59 -13.86 0.16
C THR C 387 4.53 -12.69 0.46
N ARG C 388 5.10 -12.68 1.66
CA ARG C 388 5.94 -11.58 2.09
C ARG C 388 6.68 -11.93 3.34
N ASP C 389 7.67 -11.13 3.68
CA ASP C 389 8.35 -11.29 4.94
C ASP C 389 7.30 -11.06 6.02
N PRO C 390 7.22 -11.98 6.99
CA PRO C 390 6.23 -11.85 8.06
C PRO C 390 6.58 -10.90 9.19
N THR C 391 7.76 -10.30 9.13
CA THR C 391 8.27 -9.55 10.26
C THR C 391 7.24 -8.53 10.68
N THR C 392 6.87 -7.66 9.76
CA THR C 392 5.96 -6.58 10.09
C THR C 392 4.58 -7.09 10.52
N PRO C 393 3.97 -7.98 9.72
CA PRO C 393 2.68 -8.51 10.19
C PRO C 393 2.70 -9.09 11.61
N LEU C 394 3.78 -9.78 11.95
CA LEU C 394 3.90 -10.35 13.31
C LEU C 394 4.07 -9.24 14.34
N ALA C 395 4.90 -8.25 14.02
CA ALA C 395 5.04 -7.12 14.91
C ALA C 395 3.72 -6.48 15.15
N ARG C 396 2.98 -6.21 14.07
CA ARG C 396 1.66 -5.57 14.20
C ARG C 396 0.73 -6.46 14.95
N ALA C 397 0.90 -7.77 14.81
CA ALA C 397 0.12 -8.72 15.58
C ALA C 397 0.33 -8.61 17.07
N ALA C 398 1.46 -8.03 17.51
CA ALA C 398 1.74 -7.86 18.94
C ALA C 398 1.61 -6.44 19.42
N TRP C 399 1.00 -5.58 18.61
CA TRP C 399 0.73 -4.22 19.05
C TRP C 399 -0.57 -4.24 19.84
N GLU C 400 -0.50 -4.12 21.18
CA GLU C 400 -1.71 -4.06 22.04
C GLU C 400 -1.55 -2.86 22.90
N THR C 401 -2.53 -1.98 22.90
CA THR C 401 -2.57 -0.87 23.84
C THR C 401 -3.95 -0.64 24.40
N VAL C 402 -4.03 0.24 25.38
CA VAL C 402 -5.27 0.75 25.93
C VAL C 402 -6.29 0.98 24.79
N ARG C 403 -5.89 1.69 23.73
CA ARG C 403 -6.81 2.02 22.66
C ARG C 403 -6.95 0.82 21.69
N HIS C 404 -5.82 0.28 21.22
CA HIS C 404 -5.78 -0.68 20.10
C HIS C 404 -5.73 -2.20 20.46
N SER C 405 -6.51 -3.02 19.77
CA SER C 405 -6.37 -4.47 19.83
C SER C 405 -5.93 -4.98 18.46
N PRO C 406 -5.05 -5.99 18.40
CA PRO C 406 -4.54 -6.40 17.09
C PRO C 406 -5.29 -7.58 16.42
N ILE C 407 -6.37 -8.04 17.02
CA ILE C 407 -7.09 -9.20 16.52
C ILE C 407 -7.55 -8.96 15.07
N ASN C 408 -7.97 -7.74 14.76
CA ASN C 408 -8.39 -7.46 13.40
C ASN C 408 -7.23 -7.67 12.44
N SER C 409 -6.04 -7.19 12.83
CA SER C 409 -4.83 -7.36 12.02
C SER C 409 -4.55 -8.85 11.72
N TRP C 410 -4.67 -9.69 12.74
CA TRP C 410 -4.50 -11.12 12.53
C TRP C 410 -5.42 -11.59 11.42
N LEU C 411 -6.70 -11.26 11.53
CA LEU C 411 -7.70 -11.71 10.57
C LEU C 411 -7.42 -11.20 9.18
N GLY C 412 -7.14 -9.92 9.08
CA GLY C 412 -6.86 -9.34 7.80
C GLY C 412 -5.71 -10.01 7.07
N ASN C 413 -4.72 -10.45 7.84
CA ASN C 413 -3.56 -11.13 7.28
C ASN C 413 -3.89 -12.58 6.98
N ILE C 414 -4.66 -13.20 7.85
CA ILE C 414 -5.11 -14.55 7.63
C ILE C 414 -5.85 -14.67 6.29
N ILE C 415 -6.65 -13.66 5.97
CA ILE C 415 -7.43 -13.68 4.74
C ILE C 415 -6.54 -13.38 3.55
N GLN C 416 -5.86 -12.27 3.59
CA GLN C 416 -5.02 -11.88 2.49
C GLN C 416 -3.92 -12.92 2.17
N TYR C 417 -3.39 -13.59 3.19
CA TYR C 417 -2.23 -14.46 3.00
C TYR C 417 -2.47 -15.92 3.44
N ALA C 418 -3.73 -16.31 3.45
CA ALA C 418 -4.16 -17.69 3.73
C ALA C 418 -3.33 -18.86 3.18
N PRO C 419 -2.82 -18.76 1.94
CA PRO C 419 -2.06 -19.93 1.48
C PRO C 419 -0.61 -19.97 1.96
N THR C 420 -0.14 -18.92 2.62
CA THR C 420 1.24 -18.90 3.08
C THR C 420 1.39 -19.73 4.32
N ILE C 421 2.60 -20.24 4.49
CA ILE C 421 2.91 -21.17 5.58
C ILE C 421 2.91 -20.46 6.90
N TRP C 422 3.29 -19.20 6.91
CA TRP C 422 3.30 -18.39 8.13
C TRP C 422 1.91 -18.02 8.65
N VAL C 423 0.96 -17.80 7.77
CA VAL C 423 -0.45 -17.64 8.17
C VAL C 423 -1.04 -18.95 8.63
N ARG C 424 -0.73 -20.03 7.92
CA ARG C 424 -1.42 -21.27 8.18
C ARG C 424 -1.00 -21.86 9.50
N MET C 425 0.32 -21.92 9.69
CA MET C 425 0.90 -22.51 10.88
C MET C 425 0.92 -21.58 12.10
N VAL C 426 1.17 -20.31 11.86
CA VAL C 426 1.33 -19.41 12.95
C VAL C 426 0.07 -18.62 13.23
N LEU C 427 -0.35 -17.76 12.33
CA LEU C 427 -1.42 -16.85 12.69
C LEU C 427 -2.75 -17.55 12.91
N MET C 428 -3.15 -18.42 11.99
CA MET C 428 -4.38 -19.14 12.18
C MET C 428 -4.40 -19.82 13.53
N THR C 429 -3.33 -20.56 13.83
CA THR C 429 -3.26 -21.29 15.08
C THR C 429 -3.47 -20.34 16.28
N HIS C 430 -2.75 -19.23 16.28
CA HIS C 430 -2.87 -18.27 17.36
C HIS C 430 -4.26 -17.69 17.49
N PHE C 431 -4.76 -17.20 16.35
CA PHE C 431 -6.08 -16.58 16.23
C PHE C 431 -7.19 -17.46 16.79
N PHE C 432 -7.24 -18.70 16.32
CA PHE C 432 -8.29 -19.58 16.74
C PHE C 432 -8.06 -19.97 18.17
N SER C 433 -6.84 -20.33 18.51
CA SER C 433 -6.53 -20.64 19.89
C SER C 433 -7.09 -19.58 20.85
N ILE C 434 -6.99 -18.31 20.47
CA ILE C 434 -7.40 -17.22 21.33
C ILE C 434 -8.90 -17.09 21.47
N LEU C 435 -9.59 -17.10 20.34
CA LEU C 435 -11.03 -16.95 20.34
C LEU C 435 -11.70 -18.15 21.03
N MET C 436 -11.16 -19.34 20.85
CA MET C 436 -11.74 -20.53 21.47
C MET C 436 -11.74 -20.30 22.96
N VAL C 437 -10.56 -19.99 23.49
CA VAL C 437 -10.36 -19.77 24.92
C VAL C 437 -11.25 -18.66 25.47
N GLN C 438 -11.34 -17.52 24.78
CA GLN C 438 -12.24 -16.49 25.26
C GLN C 438 -13.69 -16.72 24.80
N ASP C 439 -13.92 -17.86 24.13
CA ASP C 439 -15.24 -18.31 23.67
C ASP C 439 -16.00 -17.22 22.88
N THR C 440 -15.34 -16.68 21.86
CA THR C 440 -15.86 -15.58 21.08
C THR C 440 -15.77 -15.87 19.58
N LEU C 441 -15.87 -17.15 19.22
CA LEU C 441 -15.82 -17.56 17.81
C LEU C 441 -16.96 -16.97 16.98
N ASP C 442 -18.19 -17.10 17.50
CA ASP C 442 -19.37 -16.63 16.78
C ASP C 442 -19.44 -15.10 16.64
N GLN C 443 -18.51 -14.35 17.25
CA GLN C 443 -18.54 -12.87 17.19
C GLN C 443 -18.02 -12.37 15.86
N ASN C 444 -18.19 -11.08 15.60
CA ASN C 444 -17.90 -10.51 14.29
C ASN C 444 -16.86 -9.43 14.34
N LEU C 445 -15.69 -9.73 13.79
CA LEU C 445 -14.54 -8.82 13.82
C LEU C 445 -14.36 -8.14 12.48
N GLY C 446 -14.34 -6.82 12.47
CA GLY C 446 -14.13 -6.08 11.24
C GLY C 446 -15.10 -6.49 10.15
N GLY C 447 -16.34 -6.79 10.55
CA GLY C 447 -17.39 -7.22 9.63
C GLY C 447 -17.06 -8.51 8.90
N VAL C 448 -16.52 -9.48 9.65
CA VAL C 448 -16.27 -10.83 9.16
C VAL C 448 -16.55 -11.78 10.33
N ASN C 449 -17.10 -12.96 10.05
CA ASN C 449 -17.24 -14.00 11.07
C ASN C 449 -16.16 -15.09 10.96
N PRO C 450 -15.38 -15.26 12.01
CA PRO C 450 -14.33 -16.28 12.04
C PRO C 450 -14.76 -17.61 11.49
N LEU C 451 -16.00 -17.98 11.79
CA LEU C 451 -16.49 -19.31 11.42
C LEU C 451 -16.74 -19.45 9.91
N ASP C 452 -16.87 -18.31 9.21
CA ASP C 452 -16.97 -18.24 7.74
C ASP C 452 -15.64 -18.35 6.97
N LEU C 453 -14.52 -18.45 7.67
CA LEU C 453 -13.22 -18.33 7.02
C LEU C 453 -12.98 -19.36 5.93
N PRO C 454 -13.28 -20.62 6.21
CA PRO C 454 -12.96 -21.58 5.14
C PRO C 454 -13.68 -21.20 3.87
N ALA C 455 -14.92 -20.74 4.00
CA ALA C 455 -15.68 -20.29 2.84
C ALA C 455 -14.98 -19.12 2.19
N ILE C 456 -14.69 -18.12 3.01
CA ILE C 456 -14.10 -16.87 2.55
C ILE C 456 -12.77 -17.10 1.83
N ILE C 457 -11.98 -18.00 2.38
CA ILE C 457 -10.69 -18.33 1.85
C ILE C 457 -10.83 -19.10 0.58
N GLU C 458 -11.72 -20.10 0.56
CA GLU C 458 -12.05 -20.79 -0.70
C GLU C 458 -12.47 -19.83 -1.79
N ARG C 459 -13.49 -18.99 -1.53
CA ARG C 459 -13.90 -18.00 -2.50
C ARG C 459 -12.64 -17.36 -3.07
N LEU C 460 -11.75 -16.91 -2.19
CA LEU C 460 -10.69 -15.99 -2.60
C LEU C 460 -9.40 -16.63 -3.12
N HIS C 461 -8.95 -17.73 -2.53
CA HIS C 461 -7.65 -18.32 -2.88
C HIS C 461 -7.73 -19.68 -3.53
N GLY C 462 -8.93 -20.21 -3.70
CA GLY C 462 -9.05 -21.56 -4.15
C GLY C 462 -8.82 -22.57 -3.04
N LEU C 463 -9.48 -23.71 -3.19
CA LEU C 463 -9.49 -24.79 -2.24
C LEU C 463 -8.09 -25.37 -2.00
N ASP C 464 -7.17 -25.11 -2.93
CA ASP C 464 -5.78 -25.58 -2.79
C ASP C 464 -5.06 -24.93 -1.60
N ALA C 465 -5.53 -23.76 -1.19
CA ALA C 465 -5.05 -23.09 0.02
C ALA C 465 -5.13 -23.93 1.33
N PHE C 466 -5.95 -24.96 1.32
CA PHE C 466 -6.08 -25.84 2.47
C PHE C 466 -5.22 -27.09 2.36
N SER C 467 -4.56 -27.27 1.22
CA SER C 467 -3.81 -28.49 0.96
C SER C 467 -2.39 -28.30 0.43
N MET C 468 -1.86 -27.09 0.53
CA MET C 468 -0.56 -26.85 -0.05
C MET C 468 0.53 -27.36 0.85
N HIS C 469 1.56 -27.94 0.25
CA HIS C 469 2.68 -28.40 0.99
C HIS C 469 3.97 -28.16 0.20
N THR C 470 5.11 -28.40 0.85
CA THR C 470 6.42 -28.37 0.20
C THR C 470 6.71 -26.97 -0.25
N TYR C 471 6.71 -26.08 0.73
CA TYR C 471 6.99 -24.69 0.51
C TYR C 471 8.48 -24.47 0.16
N SER C 472 8.85 -23.30 -0.35
CA SER C 472 10.20 -23.13 -0.90
C SER C 472 11.26 -22.84 0.16
N HIS C 473 12.51 -23.09 -0.19
CA HIS C 473 13.62 -22.77 0.68
C HIS C 473 13.58 -21.31 1.12
N HIS C 474 13.48 -20.39 0.16
CA HIS C 474 13.38 -18.96 0.52
C HIS C 474 12.34 -18.75 1.59
N GLU C 475 11.19 -19.34 1.38
CA GLU C 475 10.05 -19.04 2.19
C GLU C 475 10.15 -19.66 3.56
N LEU C 476 10.57 -20.93 3.64
CA LEU C 476 10.88 -21.56 4.92
C LEU C 476 11.96 -20.79 5.71
N THR C 477 13.03 -20.42 5.03
CA THR C 477 14.11 -19.71 5.68
C THR C 477 13.61 -18.41 6.27
N ARG C 478 12.81 -17.68 5.49
CA ARG C 478 12.39 -16.35 5.87
C ARG C 478 11.44 -16.41 7.06
N VAL C 479 10.56 -17.40 7.06
CA VAL C 479 9.61 -17.56 8.12
C VAL C 479 10.30 -17.95 9.41
N ALA C 480 11.08 -19.03 9.33
CA ALA C 480 11.91 -19.50 10.45
C ALA C 480 12.65 -18.37 11.06
N SER C 481 13.20 -17.56 10.18
CA SER C 481 14.10 -16.52 10.60
C SER C 481 13.33 -15.36 11.24
N ALA C 482 12.14 -15.05 10.71
CA ALA C 482 11.32 -14.00 11.32
C ALA C 482 10.80 -14.39 12.72
N LEU C 483 10.61 -15.68 12.97
CA LEU C 483 10.04 -16.11 14.24
C LEU C 483 11.12 -16.06 15.31
N ARG C 484 12.32 -16.46 14.92
CA ARG C 484 13.52 -16.34 15.74
C ARG C 484 13.76 -14.87 16.09
N LYS C 485 13.74 -13.99 15.09
CA LYS C 485 13.88 -12.55 15.29
C LYS C 485 12.87 -11.93 16.29
N LEU C 486 11.62 -12.42 16.32
CA LEU C 486 10.64 -11.89 17.25
C LEU C 486 10.45 -12.73 18.53
N GLY C 487 11.14 -13.84 18.63
CA GLY C 487 11.06 -14.60 19.87
C GLY C 487 9.78 -15.37 19.93
N ALA C 488 9.42 -15.93 18.78
CA ALA C 488 8.21 -16.69 18.66
C ALA C 488 8.61 -18.14 18.61
N PRO C 489 7.68 -19.05 18.96
CA PRO C 489 8.06 -20.43 18.87
C PRO C 489 8.41 -20.79 17.45
N PRO C 490 9.23 -21.81 17.27
CA PRO C 490 9.52 -22.24 15.92
C PRO C 490 8.36 -23.06 15.36
N LEU C 491 8.42 -23.32 14.07
CA LEU C 491 7.32 -23.96 13.39
C LEU C 491 6.88 -25.29 14.00
N ARG C 492 7.82 -26.15 14.39
CA ARG C 492 7.46 -27.43 15.06
C ARG C 492 6.50 -27.25 16.25
N VAL C 493 6.71 -26.21 17.04
CA VAL C 493 5.82 -25.95 18.17
C VAL C 493 4.43 -25.57 17.67
N TRP C 494 4.36 -24.77 16.62
CA TRP C 494 3.06 -24.41 16.09
C TRP C 494 2.37 -25.64 15.50
N LYS C 495 3.15 -26.57 14.92
CA LYS C 495 2.58 -27.86 14.53
C LYS C 495 1.82 -28.43 15.73
N SER C 496 2.47 -28.53 16.91
CA SER C 496 1.80 -29.06 18.12
C SER C 496 0.59 -28.27 18.50
N ARG C 497 0.75 -26.96 18.65
CA ARG C 497 -0.39 -26.13 19.06
C ARG C 497 -1.57 -26.26 18.11
N ALA C 498 -1.26 -26.50 16.84
CA ALA C 498 -2.28 -26.62 15.81
C ALA C 498 -3.11 -27.90 15.97
N ARG C 499 -2.45 -29.05 16.15
CA ARG C 499 -3.13 -30.30 16.48
C ARG C 499 -4.14 -30.09 17.57
N ALA C 500 -3.70 -29.46 18.65
CA ALA C 500 -4.54 -29.19 19.80
C ALA C 500 -5.71 -28.30 19.45
N VAL C 501 -5.42 -27.17 18.86
CA VAL C 501 -6.47 -26.27 18.43
C VAL C 501 -7.46 -27.04 17.56
N ARG C 502 -6.94 -27.85 16.64
CA ARG C 502 -7.74 -28.56 15.64
C ARG C 502 -8.73 -29.49 16.34
N ALA C 503 -8.18 -30.34 17.21
CA ALA C 503 -8.93 -31.32 17.99
C ALA C 503 -10.03 -30.63 18.76
N SER C 504 -9.65 -29.65 19.56
CA SER C 504 -10.64 -28.88 20.28
C SER C 504 -11.73 -28.26 19.34
N LEU C 505 -11.34 -27.82 18.15
CA LEU C 505 -12.30 -27.18 17.24
C LEU C 505 -13.31 -28.19 16.68
N ILE C 506 -12.80 -29.38 16.40
CA ILE C 506 -13.58 -30.45 15.80
C ILE C 506 -14.58 -30.97 16.83
N SER C 507 -14.10 -31.21 18.06
CA SER C 507 -14.99 -31.63 19.13
C SER C 507 -16.13 -30.64 19.27
N ARG C 508 -15.88 -29.34 19.20
CA ARG C 508 -16.99 -28.37 19.17
C ARG C 508 -18.10 -28.58 18.12
N GLY C 509 -17.79 -29.27 17.02
CA GLY C 509 -18.80 -29.50 15.97
C GLY C 509 -19.40 -28.24 15.36
N GLY C 510 -20.17 -28.43 14.30
CA GLY C 510 -20.82 -27.32 13.62
C GLY C 510 -19.82 -26.69 12.69
N LYS C 511 -19.96 -25.38 12.48
CA LYS C 511 -19.02 -24.62 11.66
C LYS C 511 -17.59 -24.71 12.22
N ALA C 512 -17.47 -24.53 13.53
CA ALA C 512 -16.21 -24.70 14.22
C ALA C 512 -15.47 -25.89 13.65
N ALA C 513 -16.13 -27.03 13.58
CA ALA C 513 -15.45 -28.23 13.17
C ALA C 513 -15.03 -28.13 11.71
N VAL C 514 -15.79 -27.44 10.88
CA VAL C 514 -15.40 -27.26 9.47
C VAL C 514 -14.08 -26.49 9.46
N CYS C 515 -14.09 -25.33 10.13
CA CYS C 515 -12.88 -24.57 10.39
C CYS C 515 -11.72 -25.47 10.78
N GLY C 516 -11.96 -26.38 11.71
CA GLY C 516 -10.91 -27.21 12.21
C GLY C 516 -10.37 -28.20 11.19
N ARG C 517 -11.26 -28.68 10.33
CA ARG C 517 -10.91 -29.73 9.36
CA ARG C 517 -10.90 -29.73 9.37
C ARG C 517 -10.22 -29.17 8.13
N TYR C 518 -10.73 -28.05 7.61
CA TYR C 518 -10.16 -27.35 6.43
C TYR C 518 -8.89 -26.52 6.75
N LEU C 519 -9.03 -25.59 7.69
CA LEU C 519 -7.93 -24.73 8.09
C LEU C 519 -6.73 -25.47 8.70
N PHE C 520 -6.93 -26.63 9.32
CA PHE C 520 -5.79 -27.32 9.97
C PHE C 520 -5.45 -28.73 9.49
N ASN C 521 -5.95 -29.10 8.32
CA ASN C 521 -5.58 -30.38 7.74
C ASN C 521 -4.09 -30.54 7.54
N TRP C 522 -3.39 -29.44 7.32
CA TRP C 522 -1.93 -29.50 7.25
C TRP C 522 -1.29 -30.08 8.50
N ALA C 523 -2.05 -30.10 9.61
CA ALA C 523 -1.45 -30.37 10.91
C ALA C 523 -1.50 -31.84 11.27
N VAL C 524 -2.26 -32.63 10.54
CA VAL C 524 -2.37 -34.06 10.80
C VAL C 524 -1.68 -34.93 9.74
N LYS C 525 -1.29 -36.13 10.14
CA LYS C 525 -0.83 -37.18 9.21
C LYS C 525 -2.05 -37.86 8.59
N THR C 526 -3.17 -37.86 9.31
CA THR C 526 -4.43 -38.43 8.83
C THR C 526 -5.16 -37.46 7.86
N LYS C 527 -4.45 -36.98 6.83
CA LYS C 527 -4.95 -35.89 5.96
C LYS C 527 -6.27 -36.31 5.33
N LEU C 528 -7.25 -35.40 5.33
CA LEU C 528 -8.63 -35.69 4.85
C LEU C 528 -8.83 -35.34 3.37
N LYS C 529 -9.93 -35.81 2.80
CA LYS C 529 -10.31 -35.45 1.43
C LYS C 529 -11.25 -34.24 1.49
N LEU C 530 -10.67 -33.04 1.41
CA LEU C 530 -11.45 -31.80 1.55
C LEU C 530 -12.20 -31.46 0.27
N THR C 531 -13.51 -31.28 0.38
CA THR C 531 -14.38 -31.12 -0.78
C THR C 531 -14.85 -29.66 -0.88
N PRO C 532 -15.26 -29.22 -2.08
CA PRO C 532 -15.78 -27.85 -2.14
C PRO C 532 -16.94 -27.52 -1.18
N LEU C 533 -17.11 -26.22 -0.93
CA LEU C 533 -17.99 -25.75 0.14
C LEU C 533 -19.19 -25.02 -0.45
N PRO C 534 -20.41 -25.45 -0.09
CA PRO C 534 -21.60 -24.70 -0.51
C PRO C 534 -21.40 -23.18 -0.45
N GLU C 535 -21.14 -22.65 0.75
CA GLU C 535 -21.05 -21.19 0.99
C GLU C 535 -19.74 -20.59 0.45
#